data_6LLN
#
_entry.id   6LLN
#
_cell.length_a   72.838
_cell.length_b   98.152
_cell.length_c   142.907
_cell.angle_alpha   90.000
_cell.angle_beta   90.000
_cell.angle_gamma   90.000
#
_symmetry.space_group_name_H-M   'F 2 2 2'
#
loop_
_entity.id
_entity.type
_entity.pdbx_description
1 polymer 'Putative dehydrogenase involved in catabolism of citronellol'
2 water water
#
_entity_poly.entity_id   1
_entity_poly.type   'polypeptide(L)'
_entity_poly.pdbx_seq_one_letter_code
;MSYDSIFRPGLFDGQTIIVTGGGSGIGRCTAHELAALGAHVVLVGRKAEKLEKTAGEIVEDGGSVSWHACDIREEEAVKT
LVANILAERGTIHHLVNNAGGQYPSPLASISQKGFETVLRTNLVGGFLVAREVFNQSMSKTGGSIVNMLADMWGGMPGMG
HSGAARSGMENFTRTAAVEWGHAGVRVNAVAPGWIASSGMDTYEGAFKAVIPTLREHVPLKRIGSESEVAAAIVFLLSPG
AAFVSGNTIRIDGAASQGSRAFPLFKGKPGQSRAYNGFHRAYLPDVLKDQED
;
_entity_poly.pdbx_strand_id   A
#
# COMPACT_ATOMS: atom_id res chain seq x y z
N TYR A 3 3.63 9.58 16.70
CA TYR A 3 4.26 8.37 16.16
C TYR A 3 5.77 8.46 16.38
N ASP A 4 6.34 7.40 16.96
CA ASP A 4 7.78 7.32 17.19
C ASP A 4 8.44 6.77 15.93
N SER A 5 8.61 7.64 14.96
CA SER A 5 9.14 7.25 13.65
C SER A 5 10.66 7.32 13.66
N ILE A 6 11.28 6.46 12.84
CA ILE A 6 12.73 6.56 12.67
C ILE A 6 13.12 7.70 11.75
N PHE A 7 12.14 8.32 11.07
CA PHE A 7 12.40 9.34 10.07
C PHE A 7 12.33 10.72 10.69
N ARG A 8 13.00 11.68 10.07
CA ARG A 8 13.09 13.01 10.67
C ARG A 8 11.74 13.71 10.58
N PRO A 9 11.41 14.54 11.57
CA PRO A 9 10.16 15.30 11.50
C PRO A 9 10.06 16.08 10.19
N GLY A 10 8.84 16.17 9.68
CA GLY A 10 8.54 16.95 8.49
C GLY A 10 9.03 16.35 7.20
N LEU A 11 9.43 15.08 7.19
CA LEU A 11 10.00 14.49 5.99
C LEU A 11 9.03 14.54 4.81
N PHE A 12 7.72 14.45 5.08
CA PHE A 12 6.75 14.48 4.00
C PHE A 12 5.87 15.74 4.03
N ASP A 13 6.40 16.84 4.57
CA ASP A 13 5.64 18.10 4.67
C ASP A 13 5.06 18.49 3.33
N GLY A 14 3.75 18.77 3.33
CA GLY A 14 3.09 19.31 2.15
C GLY A 14 2.73 18.29 1.08
N GLN A 15 3.08 17.02 1.25
CA GLN A 15 2.86 16.01 0.23
C GLN A 15 1.53 15.32 0.42
N THR A 16 0.87 15.01 -0.69
CA THR A 16 -0.39 14.28 -0.70
C THR A 16 -0.09 12.82 -1.00
N ILE A 17 -0.50 11.92 -0.11
CA ILE A 17 -0.22 10.50 -0.26
C ILE A 17 -1.51 9.71 -0.10
N ILE A 18 -1.88 8.96 -1.14
CA ILE A 18 -3.03 8.09 -1.09
C ILE A 18 -2.63 6.78 -0.41
N VAL A 19 -3.47 6.32 0.52
CA VAL A 19 -3.29 5.03 1.18
C VAL A 19 -4.58 4.25 1.01
N THR A 20 -4.62 3.31 0.06
CA THR A 20 -5.79 2.45 -0.03
C THR A 20 -5.79 1.45 1.13
N GLY A 21 -6.98 0.97 1.46
CA GLY A 21 -7.12 0.17 2.67
C GLY A 21 -6.68 0.94 3.90
N GLY A 22 -6.81 2.27 3.86
CA GLY A 22 -6.22 3.12 4.88
C GLY A 22 -6.95 3.14 6.19
N GLY A 23 -8.12 2.51 6.27
CA GLY A 23 -8.87 2.58 7.50
C GLY A 23 -8.57 1.52 8.54
N SER A 24 -7.72 0.54 8.24
CA SER A 24 -7.48 -0.55 9.17
C SER A 24 -6.08 -1.12 8.93
N GLY A 25 -5.58 -1.82 9.96
CA GLY A 25 -4.38 -2.63 9.84
C GLY A 25 -3.14 -1.85 9.40
N ILE A 26 -2.37 -2.48 8.50
CA ILE A 26 -1.12 -1.87 8.06
C ILE A 26 -1.36 -0.54 7.37
N GLY A 27 -2.44 -0.44 6.57
CA GLY A 27 -2.79 0.84 5.96
C GLY A 27 -2.98 1.94 6.98
N ARG A 28 -3.71 1.65 8.06
CA ARG A 28 -3.93 2.65 9.10
C ARG A 28 -2.64 3.00 9.81
N CYS A 29 -1.79 2.01 10.07
CA CYS A 29 -0.52 2.29 10.72
C CYS A 29 0.35 3.19 9.84
N THR A 30 0.42 2.87 8.55
CA THR A 30 1.24 3.65 7.63
C THR A 30 0.72 5.07 7.46
N ALA A 31 -0.60 5.20 7.35
CA ALA A 31 -1.22 6.53 7.28
C ALA A 31 -0.84 7.37 8.49
N HIS A 32 -0.92 6.78 9.68
CA HIS A 32 -0.56 7.50 10.91
C HIS A 32 0.90 7.95 10.87
N GLU A 33 1.82 7.05 10.48
CA GLU A 33 3.22 7.46 10.44
C GLU A 33 3.45 8.56 9.41
N LEU A 34 2.82 8.45 8.23
CA LEU A 34 3.02 9.48 7.22
C LEU A 34 2.42 10.82 7.67
N ALA A 35 1.26 10.77 8.32
CA ALA A 35 0.68 12.01 8.83
C ALA A 35 1.54 12.61 9.95
N ALA A 36 2.15 11.75 10.78
CA ALA A 36 3.06 12.26 11.80
C ALA A 36 4.27 12.93 11.17
N LEU A 37 4.65 12.52 9.97
CA LEU A 37 5.78 13.11 9.26
C LEU A 37 5.38 14.28 8.38
N GLY A 38 4.12 14.71 8.46
CA GLY A 38 3.69 15.92 7.79
C GLY A 38 2.90 15.72 6.52
N ALA A 39 2.73 14.49 6.06
CA ALA A 39 1.97 14.26 4.84
C ALA A 39 0.49 14.53 5.06
N HIS A 40 -0.16 14.98 4.00
CA HIS A 40 -1.62 14.93 3.92
C HIS A 40 -2.02 13.56 3.41
N VAL A 41 -2.56 12.72 4.28
CA VAL A 41 -2.86 11.35 3.90
C VAL A 41 -4.30 11.29 3.40
N VAL A 42 -4.51 10.64 2.25
CA VAL A 42 -5.84 10.45 1.70
C VAL A 42 -6.19 8.99 1.86
N LEU A 43 -7.08 8.69 2.81
CA LEU A 43 -7.47 7.33 3.08
C LEU A 43 -8.55 6.91 2.10
N VAL A 44 -8.37 5.73 1.51
CA VAL A 44 -9.34 5.18 0.57
C VAL A 44 -9.71 3.78 1.02
N GLY A 45 -11.00 3.46 0.97
CA GLY A 45 -11.44 2.14 1.39
C GLY A 45 -12.90 1.94 1.09
N ARG A 46 -13.35 0.70 1.23
CA ARG A 46 -14.75 0.37 0.98
C ARG A 46 -15.67 0.92 2.07
N LYS A 47 -15.20 1.00 3.32
CA LYS A 47 -16.04 1.35 4.46
C LYS A 47 -15.79 2.80 4.85
N ALA A 48 -16.80 3.65 4.69
CA ALA A 48 -16.65 5.03 5.14
C ALA A 48 -16.49 5.12 6.66
N GLU A 49 -17.01 4.13 7.39
CA GLU A 49 -17.05 4.23 8.84
C GLU A 49 -15.65 4.09 9.44
N LYS A 50 -14.84 3.20 8.90
CA LYS A 50 -13.51 3.06 9.47
C LYS A 50 -12.52 4.03 8.84
N LEU A 51 -12.82 4.54 7.63
CA LEU A 51 -12.07 5.68 7.13
C LEU A 51 -12.30 6.89 8.03
N GLU A 52 -13.57 7.14 8.39
CA GLU A 52 -13.91 8.24 9.28
C GLU A 52 -13.19 8.12 10.62
N LYS A 53 -13.23 6.93 11.22
CA LYS A 53 -12.65 6.76 12.55
C LYS A 53 -11.13 6.91 12.50
N THR A 54 -10.49 6.35 11.49
CA THR A 54 -9.04 6.50 11.38
C THR A 54 -8.67 7.94 11.03
N ALA A 55 -9.46 8.60 10.18
CA ALA A 55 -9.21 10.02 9.96
C ALA A 55 -9.43 10.81 11.24
N GLY A 56 -10.40 10.40 12.05
CA GLY A 56 -10.60 11.03 13.34
C GLY A 56 -9.36 10.95 14.21
N GLU A 57 -8.75 9.75 14.29
CA GLU A 57 -7.54 9.58 15.09
C GLU A 57 -6.41 10.47 14.59
N ILE A 58 -6.23 10.51 13.27
CA ILE A 58 -5.12 11.28 12.70
C ILE A 58 -5.32 12.76 12.96
N VAL A 59 -6.56 13.24 12.88
CA VAL A 59 -6.83 14.66 13.15
C VAL A 59 -6.56 14.97 14.62
N GLU A 60 -7.05 14.11 15.52
CA GLU A 60 -6.78 14.32 16.95
C GLU A 60 -5.28 14.34 17.23
N ASP A 61 -4.55 13.41 16.62
CA ASP A 61 -3.11 13.34 16.79
C ASP A 61 -2.37 14.46 16.08
N GLY A 62 -3.08 15.46 15.57
CA GLY A 62 -2.46 16.63 14.99
C GLY A 62 -2.08 16.51 13.53
N GLY A 63 -2.58 15.50 12.83
CA GLY A 63 -2.24 15.28 11.44
C GLY A 63 -3.28 15.86 10.49
N SER A 64 -2.95 15.76 9.20
CA SER A 64 -3.74 16.27 8.10
C SER A 64 -4.20 15.08 7.26
N VAL A 65 -5.51 14.97 7.00
CA VAL A 65 -6.06 13.75 6.41
C VAL A 65 -7.38 14.05 5.72
N SER A 66 -7.63 13.33 4.63
CA SER A 66 -8.95 13.28 4.00
C SER A 66 -9.28 11.83 3.70
N TRP A 67 -10.55 11.54 3.41
CA TRP A 67 -10.93 10.16 3.17
C TRP A 67 -12.00 10.10 2.10
N HIS A 68 -11.99 9.01 1.35
CA HIS A 68 -12.99 8.73 0.33
C HIS A 68 -13.42 7.28 0.42
N ALA A 69 -14.72 7.06 0.50
CA ALA A 69 -15.27 5.72 0.38
C ALA A 69 -15.39 5.37 -1.09
N CYS A 70 -14.81 4.23 -1.48
CA CYS A 70 -14.72 3.85 -2.88
C CYS A 70 -14.42 2.36 -2.96
N ASP A 71 -15.13 1.67 -3.85
CA ASP A 71 -14.74 0.30 -4.21
C ASP A 71 -13.75 0.41 -5.36
N ILE A 72 -12.46 0.21 -5.06
CA ILE A 72 -11.42 0.37 -6.07
C ILE A 72 -11.37 -0.79 -7.05
N ARG A 73 -12.21 -1.81 -6.86
CA ARG A 73 -12.34 -2.89 -7.82
C ARG A 73 -13.18 -2.50 -9.01
N GLU A 74 -13.68 -1.26 -9.05
CA GLU A 74 -14.52 -0.79 -10.14
C GLU A 74 -13.86 0.40 -10.83
N GLU A 75 -13.67 0.28 -12.13
CA GLU A 75 -12.84 1.21 -12.88
C GLU A 75 -13.42 2.62 -12.91
N GLU A 76 -14.72 2.76 -13.16
CA GLU A 76 -15.28 4.11 -13.22
C GLU A 76 -15.18 4.81 -11.86
N ALA A 77 -15.43 4.08 -10.78
CA ALA A 77 -15.29 4.66 -9.45
C ALA A 77 -13.86 5.16 -9.21
N VAL A 78 -12.86 4.38 -9.60
CA VAL A 78 -11.47 4.78 -9.40
C VAL A 78 -11.14 6.03 -10.21
N LYS A 79 -11.59 6.08 -11.47
CA LYS A 79 -11.36 7.27 -12.29
C LYS A 79 -11.88 8.53 -11.60
N THR A 80 -13.08 8.46 -11.03
CA THR A 80 -13.67 9.62 -10.37
C THR A 80 -13.00 9.90 -9.03
N LEU A 81 -12.62 8.84 -8.32
CA LEU A 81 -11.88 8.99 -7.07
C LEU A 81 -10.63 9.82 -7.25
N VAL A 82 -9.79 9.42 -8.21
CA VAL A 82 -8.52 10.12 -8.43
C VAL A 82 -8.78 11.55 -8.89
N ALA A 83 -9.77 11.73 -9.78
CA ALA A 83 -10.17 13.08 -10.18
C ALA A 83 -10.59 13.92 -8.98
N ASN A 84 -11.39 13.34 -8.08
CA ASN A 84 -11.84 14.10 -6.91
C ASN A 84 -10.68 14.45 -5.99
N ILE A 85 -9.71 13.54 -5.86
CA ILE A 85 -8.55 13.84 -5.03
C ILE A 85 -7.73 14.95 -5.64
N LEU A 86 -7.56 14.94 -6.97
CA LEU A 86 -6.75 15.98 -7.61
C LEU A 86 -7.44 17.34 -7.55
N ALA A 87 -8.77 17.36 -7.63
CA ALA A 87 -9.48 18.62 -7.51
C ALA A 87 -9.27 19.24 -6.14
N GLU A 88 -9.10 18.41 -5.13
CA GLU A 88 -8.92 18.88 -3.76
C GLU A 88 -7.47 19.21 -3.45
N ARG A 89 -6.51 18.46 -4.04
CA ARG A 89 -5.11 18.53 -3.64
C ARG A 89 -4.16 19.05 -4.71
N GLY A 90 -4.54 19.01 -5.98
CA GLY A 90 -3.69 19.49 -7.06
C GLY A 90 -2.67 18.50 -7.59
N THR A 91 -2.12 17.65 -6.71
CA THR A 91 -1.07 16.71 -7.07
C THR A 91 -1.20 15.51 -6.15
N ILE A 92 -0.73 14.36 -6.62
CA ILE A 92 -0.58 13.18 -5.77
C ILE A 92 0.90 12.82 -5.79
N HIS A 93 1.55 12.91 -4.64
CA HIS A 93 2.98 12.69 -4.61
C HIS A 93 3.33 11.22 -4.51
N HIS A 94 2.51 10.44 -3.82
CA HIS A 94 2.81 9.03 -3.61
C HIS A 94 1.50 8.27 -3.47
N LEU A 95 1.56 6.95 -3.74
CA LEU A 95 0.42 6.06 -3.56
C LEU A 95 0.86 4.79 -2.84
N VAL A 96 0.13 4.41 -1.81
CA VAL A 96 0.34 3.14 -1.12
C VAL A 96 -0.87 2.27 -1.41
N ASN A 97 -0.68 1.23 -2.23
CA ASN A 97 -1.70 0.23 -2.54
C ASN A 97 -1.64 -0.81 -1.44
N ASN A 98 -2.42 -0.59 -0.37
CA ASN A 98 -2.41 -1.52 0.73
C ASN A 98 -3.60 -2.46 0.73
N ALA A 99 -4.68 -2.07 0.06
CA ALA A 99 -5.92 -2.82 0.10
C ALA A 99 -5.68 -4.28 -0.31
N GLY A 100 -6.50 -5.16 0.24
CA GLY A 100 -6.39 -6.58 -0.05
C GLY A 100 -6.35 -7.47 1.18
N PRO A 104 -8.37 -18.02 2.99
CA PRO A 104 -7.78 -19.36 3.16
C PRO A 104 -8.66 -20.46 2.59
N SER A 105 -8.04 -21.36 1.82
CA SER A 105 -8.76 -22.45 1.18
C SER A 105 -7.75 -23.30 0.42
N PRO A 106 -7.87 -24.63 0.48
CA PRO A 106 -7.08 -25.44 -0.46
C PRO A 106 -7.49 -25.14 -1.90
N LEU A 107 -6.52 -25.32 -2.82
CA LEU A 107 -6.78 -25.02 -4.23
C LEU A 107 -7.96 -25.81 -4.76
N ALA A 108 -8.08 -27.08 -4.34
CA ALA A 108 -9.15 -27.94 -4.84
C ALA A 108 -10.53 -27.37 -4.55
N SER A 109 -10.66 -26.53 -3.51
CA SER A 109 -11.95 -25.99 -3.08
C SER A 109 -12.24 -24.59 -3.59
N ILE A 110 -11.28 -23.94 -4.25
CA ILE A 110 -11.48 -22.57 -4.72
C ILE A 110 -12.34 -22.59 -5.98
N SER A 111 -13.44 -21.85 -5.96
CA SER A 111 -14.32 -21.77 -7.11
C SER A 111 -13.84 -20.68 -8.06
N GLN A 112 -14.37 -20.70 -9.29
CA GLN A 112 -14.04 -19.62 -10.22
C GLN A 112 -14.38 -18.26 -9.63
N LYS A 113 -15.57 -18.13 -9.03
CA LYS A 113 -15.92 -16.84 -8.42
C LYS A 113 -15.00 -16.50 -7.26
N GLY A 114 -14.64 -17.48 -6.43
CA GLY A 114 -13.71 -17.21 -5.34
C GLY A 114 -12.34 -16.79 -5.83
N PHE A 115 -11.80 -17.53 -6.80
CA PHE A 115 -10.50 -17.17 -7.39
C PHE A 115 -10.56 -15.76 -7.99
N GLU A 116 -11.61 -15.48 -8.77
CA GLU A 116 -11.71 -14.20 -9.47
C GLU A 116 -11.94 -13.04 -8.50
N THR A 117 -12.73 -13.26 -7.44
CA THR A 117 -12.90 -12.20 -6.44
C THR A 117 -11.57 -11.80 -5.83
N VAL A 118 -10.70 -12.78 -5.56
CA VAL A 118 -9.41 -12.46 -4.94
C VAL A 118 -8.49 -11.75 -5.94
N LEU A 119 -8.49 -12.19 -7.21
CA LEU A 119 -7.74 -11.46 -8.23
C LEU A 119 -8.19 -10.00 -8.30
N ARG A 120 -9.48 -9.76 -8.30
CA ARG A 120 -9.97 -8.38 -8.37
C ARG A 120 -9.55 -7.59 -7.12
N THR A 121 -9.62 -8.21 -5.94
CA THR A 121 -9.30 -7.48 -4.72
C THR A 121 -7.80 -7.26 -4.57
N ASN A 122 -6.99 -8.29 -4.83
CA ASN A 122 -5.56 -8.25 -4.52
C ASN A 122 -4.69 -7.96 -5.73
N LEU A 123 -5.26 -7.76 -6.92
CA LEU A 123 -4.47 -7.40 -8.09
C LEU A 123 -5.13 -6.29 -8.90
N VAL A 124 -6.37 -6.52 -9.37
CA VAL A 124 -6.97 -5.57 -10.30
C VAL A 124 -7.18 -4.21 -9.63
N GLY A 125 -7.68 -4.22 -8.39
CA GLY A 125 -7.93 -2.96 -7.70
C GLY A 125 -6.69 -2.08 -7.62
N GLY A 126 -5.56 -2.65 -7.16
CA GLY A 126 -4.34 -1.88 -7.08
C GLY A 126 -3.85 -1.45 -8.45
N PHE A 127 -4.04 -2.28 -9.47
CA PHE A 127 -3.65 -1.88 -10.81
C PHE A 127 -4.43 -0.64 -11.25
N LEU A 128 -5.74 -0.62 -10.98
CA LEU A 128 -6.57 0.49 -11.43
C LEU A 128 -6.20 1.79 -10.74
N VAL A 129 -5.98 1.74 -9.41
CA VAL A 129 -5.60 2.95 -8.70
C VAL A 129 -4.25 3.46 -9.21
N ALA A 130 -3.28 2.56 -9.36
CA ALA A 130 -1.97 2.99 -9.87
C ALA A 130 -2.09 3.56 -11.29
N ARG A 131 -2.87 2.90 -12.15
CA ARG A 131 -2.97 3.37 -13.54
C ARG A 131 -3.56 4.78 -13.59
N GLU A 132 -4.60 5.03 -12.81
CA GLU A 132 -5.27 6.33 -12.85
C GLU A 132 -4.42 7.40 -12.18
N VAL A 133 -3.78 7.05 -11.06
CA VAL A 133 -2.85 7.98 -10.42
C VAL A 133 -1.73 8.36 -11.38
N PHE A 134 -1.20 7.39 -12.11
CA PHE A 134 -0.22 7.70 -13.15
C PHE A 134 -0.84 8.56 -14.25
N ASN A 135 -1.96 8.09 -14.82
CA ASN A 135 -2.49 8.73 -16.02
C ASN A 135 -2.96 10.15 -15.75
N GLN A 136 -3.54 10.39 -14.58
CA GLN A 136 -4.12 11.68 -14.26
C GLN A 136 -3.12 12.66 -13.69
N SER A 137 -2.04 12.18 -13.07
CA SER A 137 -1.14 13.09 -12.35
C SER A 137 0.32 12.68 -12.41
N MET A 138 0.65 11.47 -11.95
CA MET A 138 2.05 11.14 -11.74
C MET A 138 2.85 11.10 -13.03
N SER A 139 2.23 10.75 -14.16
CA SER A 139 2.95 10.76 -15.43
C SER A 139 3.52 12.14 -15.77
N LYS A 140 3.01 13.19 -15.12
CA LYS A 140 3.41 14.56 -15.38
C LYS A 140 4.37 15.11 -14.34
N THR A 141 4.41 14.52 -13.16
CA THR A 141 5.12 15.07 -12.02
C THR A 141 6.23 14.18 -11.47
N GLY A 142 6.19 12.87 -11.74
CA GLY A 142 7.00 11.93 -10.97
C GLY A 142 6.33 11.66 -9.63
N GLY A 143 6.88 10.68 -8.91
CA GLY A 143 6.27 10.24 -7.68
C GLY A 143 6.66 8.79 -7.42
N SER A 144 6.08 8.21 -6.37
CA SER A 144 6.36 6.80 -6.15
C SER A 144 5.13 6.06 -5.66
N ILE A 145 5.13 4.76 -5.92
CA ILE A 145 4.03 3.85 -5.65
C ILE A 145 4.61 2.68 -4.88
N VAL A 146 3.90 2.23 -3.84
CA VAL A 146 4.26 1.01 -3.11
C VAL A 146 3.04 0.09 -3.11
N ASN A 147 3.23 -1.12 -3.59
CA ASN A 147 2.17 -2.14 -3.62
C ASN A 147 2.36 -3.13 -2.47
N MET A 148 1.28 -3.41 -1.76
CA MET A 148 1.26 -4.48 -0.78
C MET A 148 1.21 -5.84 -1.47
N LEU A 149 2.15 -6.70 -1.10
CA LEU A 149 2.16 -8.08 -1.58
C LEU A 149 1.97 -9.02 -0.40
N ALA A 150 2.64 -10.16 -0.44
CA ALA A 150 2.58 -11.16 0.61
C ALA A 150 3.72 -12.15 0.40
N ASP A 151 3.95 -12.98 1.39
CA ASP A 151 4.96 -14.02 1.27
C ASP A 151 4.42 -15.13 0.36
N MET A 152 4.55 -14.97 -0.96
CA MET A 152 4.12 -15.99 -1.92
C MET A 152 5.28 -16.54 -2.76
N TRP A 153 6.53 -16.37 -2.32
CA TRP A 153 7.66 -16.58 -3.22
C TRP A 153 7.75 -18.02 -3.71
N GLY A 154 7.44 -18.99 -2.85
CA GLY A 154 7.40 -20.37 -3.28
C GLY A 154 5.97 -20.87 -3.45
N GLY A 155 5.12 -20.02 -4.01
CA GLY A 155 3.69 -20.27 -3.97
C GLY A 155 3.14 -19.83 -2.62
N MET A 156 1.84 -20.06 -2.44
CA MET A 156 1.16 -19.74 -1.19
C MET A 156 0.19 -20.86 -0.86
N PRO A 157 0.72 -22.01 -0.41
CA PRO A 157 -0.17 -23.13 -0.04
C PRO A 157 -1.23 -22.69 0.97
N GLY A 158 -2.42 -23.28 0.85
CA GLY A 158 -3.57 -22.88 1.65
C GLY A 158 -4.16 -21.55 1.25
N MET A 159 -3.46 -20.75 0.46
CA MET A 159 -3.95 -19.45 -0.01
C MET A 159 -3.51 -19.24 -1.46
N GLY A 160 -3.78 -20.24 -2.30
CA GLY A 160 -3.25 -20.23 -3.66
C GLY A 160 -3.79 -19.07 -4.50
N HIS A 161 -5.04 -18.66 -4.26
CA HIS A 161 -5.60 -17.58 -5.04
C HIS A 161 -4.96 -16.24 -4.65
N SER A 162 -4.71 -16.05 -3.36
CA SER A 162 -4.02 -14.82 -2.95
C SER A 162 -2.57 -14.81 -3.43
N GLY A 163 -1.92 -15.98 -3.44
CA GLY A 163 -0.56 -16.04 -3.94
C GLY A 163 -0.46 -15.68 -5.41
N ALA A 164 -1.37 -16.24 -6.21
CA ALA A 164 -1.36 -15.91 -7.63
C ALA A 164 -1.64 -14.42 -7.84
N ALA A 165 -2.59 -13.86 -7.07
CA ALA A 165 -2.89 -12.44 -7.18
C ALA A 165 -1.69 -11.59 -6.78
N ARG A 166 -1.06 -11.90 -5.65
CA ARG A 166 0.06 -11.06 -5.22
C ARG A 166 1.30 -11.31 -6.08
N SER A 167 1.46 -12.52 -6.63
CA SER A 167 2.55 -12.69 -7.59
C SER A 167 2.30 -11.84 -8.82
N GLY A 168 1.04 -11.77 -9.25
CA GLY A 168 0.68 -10.88 -10.34
C GLY A 168 0.98 -9.44 -10.01
N MET A 169 0.71 -9.04 -8.76
CA MET A 169 0.97 -7.66 -8.36
C MET A 169 2.46 -7.37 -8.26
N GLU A 170 3.26 -8.38 -7.90
CA GLU A 170 4.70 -8.22 -7.91
C GLU A 170 5.20 -8.02 -9.33
N ASN A 171 4.64 -8.77 -10.28
CA ASN A 171 5.02 -8.59 -11.67
C ASN A 171 4.65 -7.21 -12.18
N PHE A 172 3.44 -6.76 -11.83
CA PHE A 172 3.02 -5.42 -12.23
C PHE A 172 3.97 -4.38 -11.66
N THR A 173 4.41 -4.57 -10.42
CA THR A 173 5.36 -3.65 -9.82
C THR A 173 6.61 -3.47 -10.69
N ARG A 174 7.15 -4.60 -11.19
CA ARG A 174 8.35 -4.53 -12.05
C ARG A 174 8.02 -3.90 -13.40
N THR A 175 6.92 -4.34 -14.02
CA THR A 175 6.54 -3.82 -15.32
C THR A 175 6.33 -2.32 -15.26
N ALA A 176 5.60 -1.86 -14.24
CA ALA A 176 5.34 -0.43 -14.09
C ALA A 176 6.62 0.34 -13.77
N ALA A 177 7.53 -0.26 -12.97
CA ALA A 177 8.80 0.42 -12.73
C ALA A 177 9.54 0.66 -14.04
N VAL A 178 9.50 -0.32 -14.96
CA VAL A 178 10.15 -0.16 -16.24
C VAL A 178 9.40 0.83 -17.11
N GLU A 179 8.08 0.65 -17.25
CA GLU A 179 7.32 1.47 -18.20
C GLU A 179 7.18 2.92 -17.75
N TRP A 180 7.17 3.19 -16.44
CA TRP A 180 6.88 4.54 -15.95
C TRP A 180 8.11 5.27 -15.44
N GLY A 181 9.27 4.60 -15.40
CA GLY A 181 10.49 5.23 -14.93
C GLY A 181 10.85 6.50 -15.68
N HIS A 182 10.54 6.56 -16.98
CA HIS A 182 10.86 7.75 -17.75
C HIS A 182 10.14 8.97 -17.21
N ALA A 183 8.98 8.78 -16.58
CA ALA A 183 8.24 9.90 -16.00
C ALA A 183 8.70 10.27 -14.59
N GLY A 184 9.78 9.67 -14.10
CA GLY A 184 10.20 9.93 -12.73
C GLY A 184 9.35 9.21 -11.71
N VAL A 185 8.74 8.10 -12.08
CA VAL A 185 7.84 7.36 -11.20
C VAL A 185 8.56 6.08 -10.79
N ARG A 186 8.71 5.91 -9.49
CA ARG A 186 9.25 4.68 -8.92
C ARG A 186 8.11 3.78 -8.47
N VAL A 187 8.25 2.47 -8.69
CA VAL A 187 7.21 1.53 -8.28
C VAL A 187 7.88 0.39 -7.54
N ASN A 188 7.48 0.19 -6.28
CA ASN A 188 8.10 -0.80 -5.41
C ASN A 188 7.01 -1.56 -4.68
N ALA A 189 7.41 -2.57 -3.89
CA ALA A 189 6.45 -3.39 -3.17
C ALA A 189 7.02 -3.78 -1.81
N VAL A 190 6.12 -4.17 -0.90
CA VAL A 190 6.47 -4.79 0.37
C VAL A 190 5.70 -6.10 0.49
N ALA A 191 6.38 -7.13 1.01
CA ALA A 191 5.82 -8.46 1.15
C ALA A 191 5.94 -8.86 2.62
N PRO A 192 4.94 -8.50 3.43
CA PRO A 192 4.99 -8.89 4.85
C PRO A 192 4.75 -10.37 5.02
N GLY A 193 5.40 -10.92 6.05
CA GLY A 193 5.17 -12.31 6.39
C GLY A 193 4.04 -12.41 7.39
N TRP A 194 4.33 -12.98 8.56
CA TRP A 194 3.34 -13.11 9.63
C TRP A 194 3.40 -11.85 10.48
N ILE A 195 2.36 -11.02 10.38
CA ILE A 195 2.28 -9.75 11.08
C ILE A 195 1.09 -9.79 12.03
N ALA A 196 1.27 -9.26 13.22
CA ALA A 196 0.21 -9.22 14.22
C ALA A 196 -0.87 -8.23 13.81
N THR A 202 9.66 -6.15 17.40
CA THR A 202 9.93 -5.52 18.68
C THR A 202 10.09 -4.02 18.47
N TYR A 203 10.02 -3.55 17.22
CA TYR A 203 9.86 -2.13 16.96
C TYR A 203 8.37 -1.79 16.90
N GLU A 204 7.97 -0.77 17.65
CA GLU A 204 6.56 -0.38 17.75
C GLU A 204 6.49 1.15 17.80
N GLY A 205 6.68 1.79 16.64
CA GLY A 205 6.59 3.24 16.59
C GLY A 205 5.18 3.74 16.80
N ALA A 206 4.18 2.93 16.44
CA ALA A 206 2.77 3.31 16.57
C ALA A 206 2.38 3.53 18.03
N ARG A 215 4.85 -19.21 13.21
CA ARG A 215 4.68 -18.88 14.62
C ARG A 215 6.01 -19.04 15.36
N GLU A 216 6.66 -20.19 15.14
CA GLU A 216 8.04 -20.39 15.57
C GLU A 216 8.85 -21.05 14.45
N HIS A 217 8.32 -21.06 13.23
CA HIS A 217 9.13 -21.30 12.05
C HIS A 217 9.59 -19.98 11.42
N VAL A 218 9.79 -18.98 12.27
CA VAL A 218 10.40 -17.69 11.93
C VAL A 218 11.79 -17.69 12.55
N PRO A 219 12.86 -17.49 11.78
CA PRO A 219 14.21 -17.47 12.39
C PRO A 219 14.36 -16.47 13.52
N LEU A 220 13.73 -15.29 13.42
CA LEU A 220 13.77 -14.34 14.52
C LEU A 220 12.85 -14.74 15.67
N LYS A 221 12.06 -15.80 15.51
CA LYS A 221 11.29 -16.42 16.59
C LYS A 221 10.23 -15.48 17.16
N ARG A 222 9.64 -14.63 16.33
CA ARG A 222 8.53 -13.80 16.76
C ARG A 222 7.72 -13.40 15.54
N ILE A 223 6.57 -12.85 15.81
CA ILE A 223 5.68 -12.28 14.81
C ILE A 223 6.07 -10.83 14.62
N GLY A 224 5.87 -10.30 13.40
CA GLY A 224 6.14 -8.90 13.14
C GLY A 224 5.02 -7.99 13.61
N SER A 225 5.30 -6.69 13.60
CA SER A 225 4.34 -5.67 13.98
C SER A 225 3.93 -4.83 12.78
N GLU A 226 2.80 -4.13 12.93
CA GLU A 226 2.35 -3.21 11.89
C GLU A 226 3.39 -2.13 11.63
N SER A 227 3.98 -1.59 12.69
CA SER A 227 5.01 -0.57 12.56
C SER A 227 6.20 -1.07 11.75
N GLU A 228 6.49 -2.38 11.85
CA GLU A 228 7.63 -2.96 11.15
C GLU A 228 7.36 -3.11 9.66
N VAL A 229 6.10 -3.09 9.24
CA VAL A 229 5.78 -2.99 7.81
C VAL A 229 5.73 -1.54 7.36
N ALA A 230 5.11 -0.66 8.16
CA ALA A 230 4.94 0.73 7.77
C ALA A 230 6.28 1.42 7.53
N ALA A 231 7.29 1.13 8.38
CA ALA A 231 8.56 1.82 8.21
C ALA A 231 9.20 1.50 6.87
N ALA A 232 9.04 0.25 6.40
CA ALA A 232 9.56 -0.12 5.08
C ALA A 232 8.80 0.60 3.97
N ILE A 233 7.48 0.70 4.10
CA ILE A 233 6.69 1.44 3.11
C ILE A 233 7.13 2.90 3.08
N VAL A 234 7.25 3.51 4.25
CA VAL A 234 7.67 4.90 4.34
C VAL A 234 9.06 5.07 3.75
N PHE A 235 9.98 4.13 4.03
CA PHE A 235 11.31 4.25 3.44
C PHE A 235 11.22 4.32 1.93
N LEU A 236 10.39 3.46 1.33
CA LEU A 236 10.32 3.39 -0.12
C LEU A 236 9.71 4.65 -0.73
N LEU A 237 8.91 5.41 0.02
CA LEU A 237 8.38 6.67 -0.46
C LEU A 237 9.35 7.83 -0.28
N SER A 238 10.41 7.63 0.47
CA SER A 238 11.24 8.73 0.92
C SER A 238 12.31 9.08 -0.11
N PRO A 239 12.95 10.25 0.02
CA PRO A 239 14.07 10.58 -0.86
C PRO A 239 15.22 9.60 -0.76
N GLY A 240 15.36 8.91 0.38
CA GLY A 240 16.40 7.90 0.50
C GLY A 240 16.25 6.76 -0.48
N ALA A 241 15.03 6.51 -0.96
CA ALA A 241 14.76 5.46 -1.93
C ALA A 241 14.71 5.99 -3.37
N ALA A 242 15.34 7.14 -3.64
CA ALA A 242 15.17 7.79 -4.95
C ALA A 242 15.71 6.97 -6.12
N PHE A 243 16.62 6.02 -5.89
CA PHE A 243 17.11 5.17 -6.96
C PHE A 243 16.65 3.72 -6.78
N VAL A 244 15.65 3.50 -5.92
CA VAL A 244 15.05 2.19 -5.69
C VAL A 244 13.75 2.12 -6.48
N SER A 245 13.68 1.22 -7.45
CA SER A 245 12.47 1.01 -8.24
C SER A 245 12.45 -0.43 -8.76
N GLY A 246 11.25 -1.01 -8.79
CA GLY A 246 11.10 -2.40 -9.15
C GLY A 246 11.46 -3.39 -8.07
N ASN A 247 11.56 -2.92 -6.83
CA ASN A 247 12.13 -3.66 -5.70
C ASN A 247 11.04 -4.03 -4.69
N THR A 248 11.10 -5.26 -4.19
CA THR A 248 10.20 -5.72 -3.13
C THR A 248 11.01 -5.88 -1.85
N ILE A 249 10.59 -5.23 -0.77
CA ILE A 249 11.15 -5.51 0.55
C ILE A 249 10.30 -6.58 1.22
N ARG A 250 10.91 -7.73 1.51
CA ARG A 250 10.27 -8.73 2.35
C ARG A 250 10.41 -8.34 3.82
N ILE A 251 9.29 -8.42 4.55
CA ILE A 251 9.27 -8.16 5.99
C ILE A 251 8.69 -9.39 6.67
N ASP A 252 9.54 -10.42 6.85
CA ASP A 252 9.02 -11.73 7.27
C ASP A 252 9.94 -12.40 8.28
N GLY A 253 10.87 -11.66 8.89
CA GLY A 253 11.77 -12.25 9.87
C GLY A 253 12.65 -13.36 9.33
N ALA A 254 12.87 -13.40 8.02
CA ALA A 254 13.58 -14.44 7.26
C ALA A 254 12.79 -15.73 7.14
N ALA A 255 11.48 -15.69 7.38
CA ALA A 255 10.67 -16.91 7.31
C ALA A 255 10.61 -17.46 5.90
N SER A 256 10.78 -16.61 4.88
CA SER A 256 10.78 -17.12 3.51
C SER A 256 12.09 -17.78 3.12
N GLN A 257 13.12 -17.72 3.96
CA GLN A 257 14.40 -18.33 3.59
C GLN A 257 14.54 -19.72 4.20
#